data_5A9T
#
_entry.id   5A9T
#
_cell.length_a   79.999
_cell.length_b   91.050
_cell.length_c   90.976
_cell.angle_alpha   90.00
_cell.angle_beta   90.00
_cell.angle_gamma   90.00
#
_symmetry.space_group_name_H-M   'C 2 2 21'
#
loop_
_entity.id
_entity.type
_entity.pdbx_description
1 polymer 'PUTATIVE DEHYDROGENASE'
2 non-polymer (1R)-1-methyl-1,2,3,4-tetrahydroisoquinoline
3 non-polymer 'CALCIUM ION'
4 non-polymer 'ACETATE ION'
5 water water
#
_entity_poly.entity_id   1
_entity_poly.type   'polypeptide(L)'
_entity_poly.pdbx_seq_one_letter_code
;MTDQNLPVTVAGLGPMGSALAAALLDRGHDVTVWNRSPGKAAPLVAKGARQADDIVDAVSASRLLVVCLADYDALYSALG
PAREALRGRVVVNLNSGTPKEANEALRWAERHGTGYLDGAIMVPPAMVGHPGSVFLYSGSAEVFEEYKETLAGLGDPVHL
GTEAGLAVLYNTALLSMMYSSMNGFLHAAALVGSAGVPAAEFTKLAVDWFLPAVIGQIIKAEAPTIDEGVYPGDAGSLEM
NVTTLKHIIGTSQEQGVDTEIPVRNKELLDRAVAAGFGESSYYSVIELWR
;
_entity_poly.pdbx_strand_id   A
#
# COMPACT_ATOMS: atom_id res chain seq x y z
N ASN A 5 27.76 9.29 -9.41
CA ASN A 5 27.38 8.08 -8.66
C ASN A 5 27.17 8.35 -7.17
N LEU A 6 25.88 8.43 -6.88
CA LEU A 6 25.35 8.84 -5.54
C LEU A 6 25.30 7.52 -4.73
N PRO A 7 25.92 7.44 -3.54
CA PRO A 7 25.95 6.18 -2.87
C PRO A 7 24.56 5.90 -2.18
N VAL A 8 24.13 4.66 -2.19
CA VAL A 8 22.95 4.28 -1.48
C VAL A 8 23.21 2.91 -0.89
N THR A 9 22.74 2.63 0.32
CA THR A 9 22.81 1.35 0.91
C THR A 9 21.41 0.74 0.89
N VAL A 10 21.31 -0.54 0.60
CA VAL A 10 20.07 -1.32 0.79
C VAL A 10 20.33 -2.37 1.81
N ALA A 11 19.61 -2.36 2.92
CA ALA A 11 19.65 -3.34 3.94
C ALA A 11 18.42 -4.23 3.91
N GLY A 12 18.61 -5.49 3.60
CA GLY A 12 17.53 -6.41 3.43
C GLY A 12 17.43 -6.83 1.99
N LEU A 13 17.75 -8.13 1.68
CA LEU A 13 17.81 -8.64 0.33
C LEU A 13 16.83 -9.81 0.08
N GLY A 14 15.70 -9.79 0.73
CA GLY A 14 14.56 -10.59 0.26
C GLY A 14 14.19 -10.20 -1.15
N PRO A 15 13.11 -10.75 -1.70
CA PRO A 15 12.77 -10.45 -3.12
C PRO A 15 12.52 -8.93 -3.36
N MET A 16 11.86 -8.28 -2.40
CA MET A 16 11.62 -6.85 -2.52
C MET A 16 12.93 -6.08 -2.40
N GLY A 17 13.74 -6.31 -1.36
CA GLY A 17 15.00 -5.60 -1.25
C GLY A 17 15.96 -5.77 -2.37
N SER A 18 15.99 -6.99 -2.88
CA SER A 18 16.77 -7.23 -4.03
C SER A 18 16.33 -6.44 -5.25
N ALA A 19 14.98 -6.34 -5.47
CA ALA A 19 14.45 -5.51 -6.56
C ALA A 19 14.79 -3.99 -6.41
N LEU A 20 14.76 -3.53 -5.16
CA LEU A 20 15.18 -2.17 -4.89
C LEU A 20 16.63 -1.94 -5.25
N ALA A 21 17.49 -2.83 -4.82
CA ALA A 21 18.86 -2.66 -5.11
C ALA A 21 19.18 -2.74 -6.61
N ALA A 22 18.53 -3.67 -7.32
CA ALA A 22 18.68 -3.78 -8.74
C ALA A 22 18.24 -2.56 -9.50
N ALA A 23 17.10 -1.95 -9.05
CA ALA A 23 16.64 -0.74 -9.66
C ALA A 23 17.63 0.38 -9.45
N LEU A 24 18.20 0.52 -8.24
CA LEU A 24 19.15 1.58 -7.99
C LEU A 24 20.47 1.43 -8.77
N LEU A 25 20.84 0.20 -8.94
CA LEU A 25 21.99 -0.11 -9.79
C LEU A 25 21.76 0.29 -11.24
N ASP A 26 20.58 0.03 -11.75
CA ASP A 26 20.18 0.36 -13.13
CA ASP A 26 20.21 0.37 -13.15
C ASP A 26 20.20 1.88 -13.34
N ARG A 27 20.02 2.66 -12.27
CA ARG A 27 20.01 4.14 -12.35
CA ARG A 27 20.03 4.16 -12.34
C ARG A 27 21.40 4.75 -12.13
N GLY A 28 22.36 3.89 -11.95
CA GLY A 28 23.70 4.23 -11.83
C GLY A 28 24.34 4.59 -10.50
N HIS A 29 23.62 4.27 -9.46
CA HIS A 29 24.11 4.55 -8.12
C HIS A 29 25.20 3.59 -7.74
N ASP A 30 26.01 4.00 -6.75
CA ASP A 30 27.00 3.13 -6.05
C ASP A 30 26.29 2.44 -4.91
N VAL A 31 25.89 1.19 -5.15
CA VAL A 31 24.98 0.51 -4.22
C VAL A 31 25.81 -0.40 -3.34
N THR A 32 25.68 -0.21 -2.04
CA THR A 32 26.14 -1.16 -1.01
C THR A 32 25.00 -1.99 -0.50
N VAL A 33 25.17 -3.32 -0.41
CA VAL A 33 24.08 -4.19 0.02
C VAL A 33 24.42 -4.97 1.25
N TRP A 34 23.44 -5.21 2.08
CA TRP A 34 23.61 -5.96 3.38
C TRP A 34 22.39 -6.81 3.55
N ASN A 35 22.64 -8.00 4.06
CA ASN A 35 21.59 -8.89 4.47
C ASN A 35 22.02 -9.66 5.70
N ARG A 36 21.06 -9.97 6.55
CA ARG A 36 21.34 -10.76 7.74
C ARG A 36 22.04 -12.09 7.38
N SER A 37 21.63 -12.73 6.31
CA SER A 37 22.14 -14.04 5.84
C SER A 37 22.95 -13.85 4.59
N PRO A 38 24.10 -14.54 4.46
CA PRO A 38 24.86 -14.61 3.19
C PRO A 38 24.07 -15.36 2.12
N GLY A 39 24.43 -15.13 0.90
CA GLY A 39 23.91 -15.90 -0.22
C GLY A 39 22.93 -15.16 -1.04
N LYS A 40 22.49 -13.99 -0.58
CA LYS A 40 21.50 -13.26 -1.37
C LYS A 40 22.07 -12.11 -2.14
N ALA A 41 23.32 -11.74 -1.88
CA ALA A 41 23.99 -10.67 -2.60
C ALA A 41 24.54 -10.93 -3.97
N ALA A 42 24.82 -12.22 -4.34
CA ALA A 42 25.66 -12.41 -5.53
C ALA A 42 25.11 -11.87 -6.80
N PRO A 43 23.75 -12.04 -7.01
CA PRO A 43 23.16 -11.49 -8.23
C PRO A 43 23.27 -9.97 -8.27
N LEU A 44 23.25 -9.31 -7.08
CA LEU A 44 23.45 -7.85 -7.11
C LEU A 44 24.85 -7.37 -7.29
N VAL A 45 25.78 -8.11 -6.68
CA VAL A 45 27.22 -7.89 -6.93
C VAL A 45 27.66 -8.09 -8.41
N ALA A 46 27.02 -9.04 -9.02
CA ALA A 46 27.27 -9.27 -10.45
C ALA A 46 26.77 -8.12 -11.28
N LYS A 47 25.77 -7.36 -10.77
CA LYS A 47 25.36 -6.11 -11.38
C LYS A 47 26.08 -4.80 -10.92
N GLY A 48 27.15 -4.83 -10.09
CA GLY A 48 27.90 -3.66 -9.72
C GLY A 48 27.80 -3.28 -8.22
N ALA A 49 26.99 -4.00 -7.48
CA ALA A 49 26.87 -3.77 -6.04
C ALA A 49 28.05 -4.23 -5.23
N ARG A 50 28.34 -3.60 -4.12
CA ARG A 50 29.34 -4.07 -3.17
C ARG A 50 28.65 -4.66 -2.01
N GLN A 51 28.93 -5.89 -1.63
CA GLN A 51 28.40 -6.49 -0.45
C GLN A 51 29.15 -6.00 0.79
N ALA A 52 28.44 -5.57 1.82
CA ALA A 52 29.09 -5.26 3.09
C ALA A 52 28.61 -6.35 4.02
N ASP A 53 29.48 -7.11 4.49
CA ASP A 53 29.09 -8.12 5.54
C ASP A 53 28.60 -7.53 6.90
N ASP A 54 29.20 -6.41 7.35
CA ASP A 54 28.87 -5.91 8.66
C ASP A 54 27.93 -4.70 8.48
N ILE A 55 26.89 -4.69 9.29
CA ILE A 55 25.95 -3.56 9.24
C ILE A 55 26.60 -2.23 9.47
N VAL A 56 27.65 -2.14 10.31
CA VAL A 56 28.23 -0.87 10.51
C VAL A 56 28.88 -0.37 9.20
N ASP A 57 29.58 -1.25 8.49
CA ASP A 57 30.16 -0.84 7.24
CA ASP A 57 30.17 -0.93 7.18
C ASP A 57 29.09 -0.50 6.21
N ALA A 58 27.97 -1.24 6.17
CA ALA A 58 26.93 -0.91 5.24
C ALA A 58 26.32 0.46 5.52
N VAL A 59 26.03 0.72 6.78
CA VAL A 59 25.49 2.04 7.19
C VAL A 59 26.50 3.15 6.86
N SER A 60 27.79 2.90 7.15
CA SER A 60 28.79 3.95 6.97
CA SER A 60 28.76 3.98 6.98
C SER A 60 29.07 4.29 5.50
N ALA A 61 28.62 3.46 4.54
CA ALA A 61 28.91 3.61 3.12
C ALA A 61 28.15 4.76 2.48
N SER A 62 26.98 5.08 3.04
CA SER A 62 26.01 5.92 2.39
C SER A 62 25.28 6.77 3.40
N ARG A 63 24.83 7.97 2.98
CA ARG A 63 23.94 8.74 3.81
C ARG A 63 22.50 8.13 3.72
N LEU A 64 22.11 7.76 2.50
CA LEU A 64 20.76 7.21 2.25
C LEU A 64 20.76 5.71 2.45
N LEU A 65 20.01 5.29 3.46
CA LEU A 65 19.90 3.88 3.88
C LEU A 65 18.46 3.45 3.57
N VAL A 66 18.28 2.60 2.58
CA VAL A 66 16.98 2.02 2.19
C VAL A 66 16.78 0.71 2.86
N VAL A 67 15.86 0.59 3.81
CA VAL A 67 15.75 -0.58 4.68
C VAL A 67 14.50 -1.37 4.24
N CYS A 68 14.65 -2.70 4.02
CA CYS A 68 13.53 -3.57 3.66
C CYS A 68 13.79 -4.94 4.29
N LEU A 69 13.54 -4.99 5.60
CA LEU A 69 13.89 -6.20 6.41
C LEU A 69 12.74 -7.17 6.29
N ALA A 70 13.02 -8.44 6.69
CA ALA A 70 11.95 -9.40 6.86
C ALA A 70 10.89 -8.93 7.86
N ASP A 71 9.62 -9.35 7.73
CA ASP A 71 8.57 -8.91 8.71
C ASP A 71 8.89 -9.19 10.19
N TYR A 72 9.53 -10.34 10.42
CA TYR A 72 9.70 -10.74 11.83
C TYR A 72 10.91 -10.05 12.45
N ASP A 73 11.69 -9.31 11.63
CA ASP A 73 12.91 -8.67 12.10
C ASP A 73 12.39 -7.26 12.47
N ALA A 74 13.30 -6.50 12.99
CA ALA A 74 13.01 -5.19 13.57
C ALA A 74 14.21 -4.29 13.30
N LEU A 75 13.90 -3.07 12.92
CA LEU A 75 14.98 -2.11 12.66
C LEU A 75 15.87 -1.89 13.84
N TYR A 76 15.33 -1.78 15.06
CA TYR A 76 16.15 -1.51 16.19
C TYR A 76 17.22 -2.63 16.34
N SER A 77 16.79 -3.86 15.98
CA SER A 77 17.70 -5.00 16.12
C SER A 77 18.71 -5.10 14.99
N ALA A 78 18.28 -5.04 13.73
CA ALA A 78 19.21 -5.10 12.60
C ALA A 78 20.21 -3.97 12.59
N LEU A 79 19.72 -2.76 12.87
CA LEU A 79 20.62 -1.62 12.81
C LEU A 79 21.15 -1.27 14.15
N GLY A 80 20.85 -2.00 15.24
CA GLY A 80 21.33 -1.65 16.58
C GLY A 80 22.88 -1.55 16.65
N PRO A 81 23.60 -2.46 16.05
CA PRO A 81 25.04 -2.39 16.19
C PRO A 81 25.66 -1.09 15.57
N ALA A 82 24.88 -0.46 14.69
CA ALA A 82 25.35 0.70 13.95
C ALA A 82 24.84 1.98 14.56
N ARG A 83 24.55 1.95 15.86
CA ARG A 83 23.99 3.09 16.55
C ARG A 83 24.71 4.41 16.26
N GLU A 84 25.98 4.34 16.55
CA GLU A 84 26.77 5.57 16.41
C GLU A 84 26.87 6.03 14.93
N ALA A 85 27.09 5.06 14.04
CA ALA A 85 27.21 5.37 12.65
C ALA A 85 25.99 5.96 12.05
N LEU A 86 24.80 5.71 12.63
CA LEU A 86 23.57 6.19 12.09
C LEU A 86 23.39 7.72 12.19
N ARG A 87 24.12 8.38 13.16
CA ARG A 87 24.01 9.83 13.26
C ARG A 87 24.38 10.54 11.97
N GLY A 88 23.54 11.44 11.53
CA GLY A 88 23.76 12.12 10.35
C GLY A 88 23.47 11.47 9.06
N ARG A 89 22.82 10.32 9.16
CA ARG A 89 22.34 9.54 7.99
C ARG A 89 20.87 9.53 8.01
N VAL A 90 20.28 8.92 6.96
CA VAL A 90 18.79 8.91 6.69
C VAL A 90 18.37 7.49 6.48
N VAL A 91 17.26 7.10 7.12
CA VAL A 91 16.61 5.78 6.92
C VAL A 91 15.33 6.03 6.17
N VAL A 92 15.18 5.32 5.04
CA VAL A 92 13.92 5.16 4.33
C VAL A 92 13.49 3.74 4.55
N ASN A 93 12.47 3.55 5.41
CA ASN A 93 12.00 2.26 5.79
C ASN A 93 10.81 1.85 4.94
N LEU A 94 11.02 0.77 4.19
CA LEU A 94 9.98 0.30 3.22
C LEU A 94 9.28 -0.92 3.75
N ASN A 95 9.39 -1.26 5.01
CA ASN A 95 8.64 -2.47 5.49
C ASN A 95 8.15 -2.38 6.89
N SER A 96 7.56 -1.26 7.27
CA SER A 96 6.95 -1.24 8.58
C SER A 96 5.67 -2.11 8.56
N GLY A 97 5.44 -2.73 9.66
CA GLY A 97 4.20 -3.63 9.71
C GLY A 97 2.91 -2.86 9.91
N THR A 98 2.97 -1.87 10.81
CA THR A 98 1.83 -1.09 11.22
C THR A 98 2.05 0.37 11.42
N PRO A 99 1.05 1.22 11.53
CA PRO A 99 1.29 2.61 11.78
C PRO A 99 2.02 2.87 13.10
N LYS A 100 1.71 2.15 14.13
CA LYS A 100 2.36 2.38 15.43
C LYS A 100 3.84 2.04 15.28
N GLU A 101 4.22 1.00 14.53
CA GLU A 101 5.62 0.57 14.34
C GLU A 101 6.36 1.62 13.55
N ALA A 102 5.75 2.17 12.54
CA ALA A 102 6.34 3.38 11.87
C ALA A 102 6.63 4.51 12.80
N ASN A 103 5.69 4.90 13.66
CA ASN A 103 5.88 5.97 14.60
C ASN A 103 6.99 5.68 15.60
N GLU A 104 7.06 4.44 16.06
CA GLU A 104 8.14 3.91 16.94
C GLU A 104 9.48 4.08 16.25
N ALA A 105 9.56 3.61 15.01
CA ALA A 105 10.83 3.77 14.30
C ALA A 105 11.21 5.22 14.06
N LEU A 106 10.34 6.14 13.79
CA LEU A 106 10.66 7.54 13.64
CA LEU A 106 10.62 7.58 13.67
C LEU A 106 11.31 8.02 14.97
N ARG A 107 10.69 7.75 16.09
CA ARG A 107 11.28 8.17 17.38
C ARG A 107 12.65 7.53 17.58
N TRP A 108 12.83 6.23 17.29
CA TRP A 108 14.04 5.55 17.34
C TRP A 108 15.11 6.35 16.54
N ALA A 109 14.75 6.64 15.35
CA ALA A 109 15.65 7.40 14.41
C ALA A 109 16.04 8.73 14.95
N GLU A 110 15.08 9.48 15.45
CA GLU A 110 15.32 10.78 16.10
C GLU A 110 16.31 10.69 17.24
N ARG A 111 16.19 9.67 18.05
CA ARG A 111 17.11 9.46 19.23
C ARG A 111 18.53 9.24 18.77
N HIS A 112 18.74 8.76 17.55
CA HIS A 112 20.02 8.46 17.04
C HIS A 112 20.58 9.66 16.16
N GLY A 113 19.79 10.70 15.93
CA GLY A 113 20.23 11.78 15.04
C GLY A 113 20.14 11.42 13.60
N THR A 114 19.14 10.58 13.28
CA THR A 114 18.94 10.02 11.91
C THR A 114 17.63 10.48 11.33
N GLY A 115 17.63 10.90 10.10
CA GLY A 115 16.38 11.32 9.41
C GLY A 115 15.59 10.08 9.07
N TYR A 116 14.29 10.27 8.93
CA TYR A 116 13.45 9.11 8.77
C TYR A 116 12.29 9.36 7.82
N LEU A 117 12.09 8.47 6.88
CA LEU A 117 10.88 8.48 6.02
C LEU A 117 10.40 7.03 5.98
N ASP A 118 9.06 6.84 6.07
CA ASP A 118 8.47 5.52 6.00
C ASP A 118 7.80 5.43 4.59
N GLY A 119 7.91 4.26 3.99
CA GLY A 119 7.27 4.15 2.70
C GLY A 119 6.58 2.82 2.52
N ALA A 120 5.57 2.86 1.66
CA ALA A 120 4.80 1.68 1.32
C ALA A 120 4.88 1.44 -0.18
N ILE A 121 5.34 0.27 -0.56
CA ILE A 121 5.53 -0.09 -1.96
C ILE A 121 4.24 -0.67 -2.52
N MET A 122 3.71 -0.05 -3.56
CA MET A 122 2.34 -0.40 -4.05
C MET A 122 2.34 -1.33 -5.20
N VAL A 123 3.43 -1.97 -5.49
CA VAL A 123 3.55 -2.87 -6.65
C VAL A 123 4.38 -4.03 -6.26
N PRO A 124 4.35 -5.12 -7.00
CA PRO A 124 5.25 -6.21 -6.69
C PRO A 124 6.69 -5.94 -7.09
N PRO A 125 7.58 -6.78 -6.53
CA PRO A 125 9.01 -6.59 -6.82
C PRO A 125 9.38 -6.42 -8.29
N ALA A 126 8.73 -7.17 -9.19
CA ALA A 126 9.08 -7.09 -10.62
C ALA A 126 8.75 -5.84 -11.23
N MET A 127 7.84 -5.04 -10.63
CA MET A 127 7.48 -3.79 -11.17
C MET A 127 8.29 -2.53 -10.64
N VAL A 128 9.09 -2.82 -9.60
CA VAL A 128 9.91 -1.75 -9.03
C VAL A 128 10.83 -1.20 -10.10
N GLY A 129 10.91 0.11 -10.24
CA GLY A 129 11.71 0.81 -11.24
C GLY A 129 11.10 0.97 -12.61
N HIS A 130 9.91 0.41 -12.80
CA HIS A 130 9.16 0.44 -14.09
C HIS A 130 8.02 1.36 -14.07
N PRO A 131 7.56 1.82 -15.26
CA PRO A 131 6.40 2.72 -15.31
C PRO A 131 5.21 2.03 -14.66
N GLY A 132 4.51 2.74 -13.81
CA GLY A 132 3.41 2.08 -13.06
C GLY A 132 3.74 1.99 -11.56
N SER A 133 5.01 1.92 -11.24
CA SER A 133 5.35 1.72 -9.87
C SER A 133 5.14 3.00 -9.11
N VAL A 134 4.48 2.86 -7.95
CA VAL A 134 4.10 3.99 -7.05
C VAL A 134 4.56 3.58 -5.69
N PHE A 135 5.21 4.50 -4.99
CA PHE A 135 5.60 4.31 -3.58
C PHE A 135 5.03 5.47 -2.80
N LEU A 136 4.30 5.17 -1.71
CA LEU A 136 3.71 6.17 -0.85
C LEU A 136 4.65 6.42 0.37
N TYR A 137 4.92 7.66 0.67
CA TYR A 137 5.80 8.02 1.75
C TYR A 137 5.14 8.92 2.80
N SER A 138 5.66 8.80 4.00
CA SER A 138 5.24 9.62 5.12
C SER A 138 6.39 9.81 6.10
N GLY A 139 6.43 11.01 6.67
CA GLY A 139 7.55 11.38 7.59
C GLY A 139 8.10 12.68 7.13
N SER A 140 9.40 12.79 7.40
CA SER A 140 10.04 14.09 7.10
C SER A 140 9.91 14.65 5.68
N ALA A 141 9.33 15.83 5.58
CA ALA A 141 9.24 16.54 4.36
C ALA A 141 10.63 16.93 3.79
N GLU A 142 11.54 17.22 4.69
CA GLU A 142 12.92 17.57 4.28
C GLU A 142 13.65 16.43 3.68
N VAL A 143 13.48 15.25 4.29
CA VAL A 143 14.08 14.05 3.76
C VAL A 143 13.51 13.70 2.37
N PHE A 144 12.18 13.77 2.29
CA PHE A 144 11.56 13.58 1.06
C PHE A 144 12.10 14.53 -0.06
N GLU A 145 12.13 15.81 0.27
CA GLU A 145 12.69 16.75 -0.71
C GLU A 145 14.13 16.45 -1.11
N GLU A 146 14.95 16.06 -0.14
CA GLU A 146 16.33 15.72 -0.39
C GLU A 146 16.53 14.60 -1.36
N TYR A 147 15.68 13.54 -1.23
CA TYR A 147 15.86 12.36 -1.93
C TYR A 147 14.79 11.95 -2.94
N LYS A 148 13.82 12.81 -3.17
CA LYS A 148 12.80 12.41 -4.09
C LYS A 148 13.32 12.06 -5.45
N GLU A 149 14.33 12.74 -6.01
CA GLU A 149 14.83 12.34 -7.30
C GLU A 149 15.44 10.97 -7.35
N THR A 150 16.18 10.59 -6.31
CA THR A 150 16.69 9.24 -6.19
C THR A 150 15.52 8.22 -6.00
N LEU A 151 14.58 8.60 -5.15
CA LEU A 151 13.48 7.67 -4.88
C LEU A 151 12.61 7.50 -6.15
N ALA A 152 12.57 8.49 -7.00
CA ALA A 152 11.79 8.33 -8.25
C ALA A 152 12.34 7.30 -9.15
N GLY A 153 13.59 6.84 -9.01
CA GLY A 153 14.08 5.66 -9.71
C GLY A 153 13.41 4.35 -9.36
N LEU A 154 12.79 4.29 -8.12
CA LEU A 154 12.16 3.12 -7.68
C LEU A 154 10.67 3.08 -8.16
N GLY A 155 10.06 4.22 -8.17
CA GLY A 155 8.62 4.36 -8.49
C GLY A 155 8.21 5.79 -8.26
N ASP A 156 7.07 6.23 -8.75
CA ASP A 156 6.58 7.52 -8.57
C ASP A 156 6.42 7.81 -7.07
N PRO A 157 7.11 8.81 -6.52
CA PRO A 157 7.08 8.98 -5.10
C PRO A 157 5.99 9.98 -4.71
N VAL A 158 5.13 9.65 -3.76
CA VAL A 158 4.06 10.47 -3.24
C VAL A 158 4.22 10.68 -1.76
N HIS A 159 4.36 11.92 -1.29
CA HIS A 159 4.46 12.25 0.08
C HIS A 159 3.09 12.57 0.61
N LEU A 160 2.71 11.78 1.57
CA LEU A 160 1.32 11.87 2.10
C LEU A 160 1.22 12.88 3.16
N GLY A 161 2.28 13.12 3.91
CA GLY A 161 2.26 13.93 5.14
C GLY A 161 3.38 13.59 6.08
N THR A 162 3.50 14.38 7.19
CA THR A 162 4.53 14.17 8.18
C THR A 162 4.41 13.09 9.18
N GLU A 163 3.14 12.59 9.43
CA GLU A 163 2.92 11.55 10.37
C GLU A 163 3.51 10.26 9.86
N ALA A 164 4.36 9.61 10.61
CA ALA A 164 5.13 8.53 10.13
C ALA A 164 4.26 7.31 9.62
N GLY A 165 3.15 7.07 10.31
CA GLY A 165 2.31 5.92 10.00
C GLY A 165 1.36 6.14 8.81
N LEU A 166 1.27 7.25 8.14
CA LEU A 166 0.27 7.51 7.07
C LEU A 166 0.47 6.57 5.87
N ALA A 167 1.73 6.29 5.47
CA ALA A 167 1.87 5.37 4.34
C ALA A 167 1.43 4.02 4.61
N VAL A 168 1.72 3.40 5.74
CA VAL A 168 1.26 2.02 6.07
CA VAL A 168 1.26 2.06 5.94
C VAL A 168 -0.26 2.09 6.18
N LEU A 169 -0.80 3.15 6.75
CA LEU A 169 -2.26 3.21 6.93
C LEU A 169 -2.90 3.28 5.52
N TYR A 170 -2.40 4.11 4.61
CA TYR A 170 -2.96 4.15 3.27
C TYR A 170 -2.87 2.84 2.59
N ASN A 171 -1.71 2.15 2.69
CA ASN A 171 -1.53 0.84 2.09
C ASN A 171 -2.62 -0.13 2.61
N THR A 172 -2.78 -0.15 3.93
CA THR A 172 -3.76 -0.98 4.56
C THR A 172 -5.16 -0.66 4.01
N ALA A 173 -5.47 0.60 3.94
CA ALA A 173 -6.77 1.03 3.45
C ALA A 173 -6.99 0.60 1.99
N LEU A 174 -6.00 0.84 1.13
CA LEU A 174 -6.17 0.53 -0.28
C LEU A 174 -6.28 -1.00 -0.46
N LEU A 175 -5.49 -1.77 0.26
CA LEU A 175 -5.64 -3.23 0.14
C LEU A 175 -7.04 -3.72 0.59
N SER A 176 -7.56 -3.11 1.65
CA SER A 176 -8.87 -3.50 2.16
C SER A 176 -9.88 -3.23 1.01
N MET A 177 -9.78 -2.07 0.40
CA MET A 177 -10.64 -1.73 -0.72
C MET A 177 -10.44 -2.73 -1.86
N MET A 178 -9.22 -3.14 -2.16
CA MET A 178 -8.92 -4.09 -3.24
C MET A 178 -9.60 -5.42 -2.98
N TYR A 179 -9.51 -5.95 -1.75
CA TYR A 179 -10.10 -7.29 -1.50
C TYR A 179 -11.59 -7.27 -1.75
N SER A 180 -12.26 -6.22 -1.25
CA SER A 180 -13.74 -6.15 -1.43
C SER A 180 -14.10 -5.96 -2.91
N SER A 181 -13.38 -5.05 -3.58
CA SER A 181 -13.63 -4.82 -5.03
C SER A 181 -13.40 -6.02 -5.87
N MET A 182 -12.34 -6.80 -5.62
CA MET A 182 -12.03 -7.97 -6.35
C MET A 182 -13.11 -9.03 -6.10
N ASN A 183 -13.55 -9.15 -4.86
CA ASN A 183 -14.63 -10.12 -4.57
C ASN A 183 -15.89 -9.75 -5.36
N GLY A 184 -16.22 -8.45 -5.34
CA GLY A 184 -17.35 -7.99 -6.12
C GLY A 184 -17.23 -8.30 -7.57
N PHE A 185 -16.05 -8.06 -8.17
CA PHE A 185 -15.87 -8.46 -9.54
C PHE A 185 -16.07 -9.95 -9.76
N LEU A 186 -15.48 -10.77 -8.88
CA LEU A 186 -15.56 -12.22 -9.07
C LEU A 186 -16.97 -12.73 -8.87
N HIS A 187 -17.76 -12.13 -7.98
CA HIS A 187 -19.14 -12.51 -7.85
C HIS A 187 -19.94 -12.17 -9.14
N ALA A 188 -19.68 -10.97 -9.66
CA ALA A 188 -20.24 -10.55 -10.91
C ALA A 188 -19.88 -11.49 -12.06
N ALA A 189 -18.60 -11.88 -12.13
CA ALA A 189 -18.11 -12.79 -13.13
C ALA A 189 -18.79 -14.14 -13.01
N ALA A 190 -18.97 -14.61 -11.81
CA ALA A 190 -19.73 -15.86 -11.63
C ALA A 190 -21.16 -15.72 -12.12
N LEU A 191 -21.81 -14.61 -11.86
CA LEU A 191 -23.18 -14.38 -12.34
C LEU A 191 -23.25 -14.39 -13.81
N VAL A 192 -22.43 -13.60 -14.52
CA VAL A 192 -22.54 -13.65 -16.03
C VAL A 192 -22.02 -14.97 -16.56
N GLY A 193 -21.10 -15.60 -15.85
CA GLY A 193 -20.56 -16.89 -16.23
C GLY A 193 -21.60 -17.96 -16.20
N SER A 194 -22.68 -17.79 -15.42
CA SER A 194 -23.78 -18.79 -15.41
C SER A 194 -24.52 -18.77 -16.72
N ALA A 195 -24.38 -17.74 -17.51
CA ALA A 195 -24.95 -17.63 -18.83
C ALA A 195 -23.88 -17.81 -19.92
N GLY A 196 -22.71 -18.33 -19.57
CA GLY A 196 -21.69 -18.63 -20.54
C GLY A 196 -20.80 -17.50 -20.90
N VAL A 197 -20.83 -16.35 -20.20
CA VAL A 197 -20.01 -15.20 -20.53
C VAL A 197 -18.66 -15.34 -19.90
N PRO A 198 -17.57 -15.42 -20.67
CA PRO A 198 -16.25 -15.47 -20.03
C PRO A 198 -15.86 -14.22 -19.29
N ALA A 199 -15.04 -14.39 -18.26
CA ALA A 199 -14.56 -13.28 -17.50
C ALA A 199 -13.84 -12.24 -18.36
N ALA A 200 -13.02 -12.71 -19.36
CA ALA A 200 -12.26 -11.78 -20.19
C ALA A 200 -13.17 -10.93 -21.10
N GLU A 201 -14.32 -11.49 -21.46
CA GLU A 201 -15.39 -10.73 -22.16
C GLU A 201 -16.05 -9.70 -21.27
N PHE A 202 -16.37 -10.19 -20.08
CA PHE A 202 -17.16 -9.41 -19.08
C PHE A 202 -16.29 -8.15 -18.71
N THR A 203 -14.97 -8.29 -18.63
CA THR A 203 -14.17 -7.08 -18.27
C THR A 203 -14.26 -5.86 -19.16
N LYS A 204 -14.60 -6.10 -20.44
CA LYS A 204 -14.84 -4.97 -21.40
C LYS A 204 -15.88 -4.00 -20.88
N LEU A 205 -16.97 -4.50 -20.35
CA LEU A 205 -17.92 -3.61 -19.77
C LEU A 205 -17.63 -3.36 -18.26
N ALA A 206 -17.20 -4.34 -17.52
CA ALA A 206 -17.10 -4.19 -16.08
C ALA A 206 -15.90 -3.31 -15.66
N VAL A 207 -14.77 -3.46 -16.34
CA VAL A 207 -13.56 -2.72 -16.01
C VAL A 207 -13.32 -1.56 -16.91
N ASP A 208 -13.47 -1.73 -18.23
CA ASP A 208 -13.17 -0.58 -19.04
C ASP A 208 -14.14 0.54 -18.93
N TRP A 209 -15.41 0.24 -18.59
CA TRP A 209 -16.45 1.20 -18.46
C TRP A 209 -16.92 1.33 -17.01
N PHE A 210 -17.53 0.30 -16.44
CA PHE A 210 -18.31 0.46 -15.21
C PHE A 210 -17.48 0.89 -14.02
N LEU A 211 -16.31 0.24 -13.86
CA LEU A 211 -15.46 0.58 -12.75
C LEU A 211 -15.11 2.07 -12.64
N PRO A 212 -14.54 2.67 -13.68
CA PRO A 212 -14.25 4.07 -13.55
C PRO A 212 -15.42 5.01 -13.75
N ALA A 213 -16.30 4.69 -14.73
CA ALA A 213 -17.31 5.63 -15.12
C ALA A 213 -18.48 5.68 -14.25
N VAL A 214 -18.80 4.57 -13.57
CA VAL A 214 -19.88 4.49 -12.68
C VAL A 214 -19.37 4.45 -11.24
N ILE A 215 -18.70 3.40 -10.82
CA ILE A 215 -18.29 3.29 -9.41
C ILE A 215 -17.44 4.49 -9.03
N GLY A 216 -16.37 4.68 -9.81
CA GLY A 216 -15.41 5.74 -9.47
C GLY A 216 -16.03 7.13 -9.46
N GLN A 217 -16.83 7.42 -10.52
CA GLN A 217 -17.43 8.75 -10.62
CA GLN A 217 -17.45 8.74 -10.63
C GLN A 217 -18.43 8.95 -9.52
N ILE A 218 -19.19 7.91 -9.11
CA ILE A 218 -20.17 8.12 -8.01
C ILE A 218 -19.39 8.39 -6.68
N ILE A 219 -18.29 7.65 -6.45
CA ILE A 219 -17.50 7.91 -5.26
C ILE A 219 -17.01 9.39 -5.20
N LYS A 220 -16.50 9.86 -6.34
CA LYS A 220 -16.03 11.26 -6.47
C LYS A 220 -17.17 12.22 -6.19
N ALA A 221 -18.36 11.90 -6.68
CA ALA A 221 -19.50 12.81 -6.53
C ALA A 221 -20.03 12.84 -5.12
N GLU A 222 -19.77 11.79 -4.34
CA GLU A 222 -20.35 11.54 -3.03
C GLU A 222 -19.42 11.84 -1.87
N ALA A 223 -18.11 11.91 -2.16
CA ALA A 223 -17.14 12.00 -1.05
C ALA A 223 -17.29 13.29 -0.19
N PRO A 224 -17.56 14.49 -0.84
CA PRO A 224 -17.77 15.67 0.06
C PRO A 224 -18.97 15.50 0.93
N THR A 225 -20.00 14.82 0.47
CA THR A 225 -21.18 14.59 1.28
C THR A 225 -20.89 13.65 2.49
N ILE A 226 -20.00 12.65 2.25
CA ILE A 226 -19.48 11.84 3.33
C ILE A 226 -18.81 12.61 4.41
N ASP A 227 -17.91 13.51 4.00
CA ASP A 227 -17.17 14.31 4.94
C ASP A 227 -18.09 15.29 5.71
N GLU A 228 -19.15 15.79 5.06
CA GLU A 228 -20.17 16.60 5.78
C GLU A 228 -20.85 15.85 6.90
N GLY A 229 -21.13 14.58 6.67
CA GLY A 229 -21.59 13.71 7.77
C GLY A 229 -23.06 13.76 8.13
N VAL A 230 -23.91 14.28 7.24
CA VAL A 230 -25.38 14.34 7.42
C VAL A 230 -26.05 13.18 6.71
N TYR A 231 -25.65 12.91 5.48
CA TYR A 231 -26.10 11.77 4.65
C TYR A 231 -27.57 11.78 4.41
N PRO A 232 -28.12 12.91 3.95
CA PRO A 232 -29.53 12.86 3.68
C PRO A 232 -29.89 11.80 2.61
N GLY A 233 -31.05 11.14 2.89
CA GLY A 233 -31.55 10.11 2.03
C GLY A 233 -32.63 10.39 1.04
N ASP A 234 -32.84 11.68 0.77
CA ASP A 234 -33.86 12.05 -0.24
C ASP A 234 -33.69 11.57 -1.65
N ALA A 235 -32.49 11.49 -2.17
CA ALA A 235 -32.29 11.00 -3.51
C ALA A 235 -32.25 9.52 -3.58
N GLY A 236 -32.38 8.85 -2.43
CA GLY A 236 -32.26 7.38 -2.36
C GLY A 236 -31.72 6.93 -1.05
N SER A 237 -32.41 6.05 -0.31
CA SER A 237 -32.07 5.76 1.00
C SER A 237 -31.35 4.41 1.13
N LEU A 238 -30.70 4.24 2.26
CA LEU A 238 -30.04 3.04 2.61
C LEU A 238 -31.01 1.88 2.59
N GLU A 239 -32.16 2.06 3.26
CA GLU A 239 -33.09 0.93 3.21
C GLU A 239 -33.57 0.57 1.82
N MET A 240 -33.68 1.44 0.81
CA MET A 240 -34.03 1.10 -0.54
C MET A 240 -33.04 0.12 -1.18
N ASN A 241 -31.80 0.25 -0.79
CA ASN A 241 -30.71 -0.64 -1.21
C ASN A 241 -30.80 -2.01 -0.63
N VAL A 242 -31.43 -2.16 0.52
CA VAL A 242 -31.65 -3.54 1.06
C VAL A 242 -32.55 -4.21 0.05
N THR A 243 -33.58 -3.61 -0.50
CA THR A 243 -34.43 -4.17 -1.56
C THR A 243 -33.67 -4.64 -2.80
N THR A 244 -32.72 -3.80 -3.27
CA THR A 244 -31.95 -4.11 -4.47
C THR A 244 -31.08 -5.39 -4.14
N LEU A 245 -30.52 -5.48 -2.98
CA LEU A 245 -29.70 -6.62 -2.61
C LEU A 245 -30.57 -7.89 -2.52
N LYS A 246 -31.76 -7.72 -1.94
CA LYS A 246 -32.69 -8.93 -1.93
C LYS A 246 -32.92 -9.43 -3.35
N HIS A 247 -33.08 -8.53 -4.33
CA HIS A 247 -33.23 -8.84 -5.70
C HIS A 247 -32.00 -9.60 -6.28
N ILE A 248 -30.81 -9.06 -5.97
CA ILE A 248 -29.59 -9.65 -6.42
C ILE A 248 -29.51 -11.08 -5.90
N ILE A 249 -29.84 -11.24 -4.64
CA ILE A 249 -29.79 -12.60 -3.96
C ILE A 249 -30.75 -13.48 -4.69
N GLY A 250 -31.97 -13.07 -4.94
CA GLY A 250 -32.94 -13.91 -5.66
C GLY A 250 -32.53 -14.27 -7.08
N THR A 251 -31.92 -13.36 -7.83
CA THR A 251 -31.46 -13.66 -9.11
C THR A 251 -30.25 -14.64 -9.06
N SER A 252 -29.34 -14.43 -8.09
CA SER A 252 -28.25 -15.31 -7.92
C SER A 252 -28.76 -16.74 -7.71
N GLN A 253 -29.76 -16.84 -6.85
CA GLN A 253 -30.31 -18.26 -6.55
C GLN A 253 -30.93 -18.83 -7.83
N GLU A 254 -31.64 -18.06 -8.64
CA GLU A 254 -32.26 -18.55 -9.90
C GLU A 254 -31.17 -18.99 -10.88
N GLN A 255 -29.98 -18.34 -10.83
CA GLN A 255 -28.89 -18.73 -11.67
C GLN A 255 -27.96 -19.81 -11.18
N GLY A 256 -28.20 -20.25 -9.95
CA GLY A 256 -27.35 -21.29 -9.36
C GLY A 256 -26.01 -20.79 -8.91
N VAL A 257 -25.93 -19.49 -8.55
CA VAL A 257 -24.73 -18.89 -8.12
C VAL A 257 -24.76 -18.59 -6.64
N ASP A 258 -23.67 -18.74 -5.96
CA ASP A 258 -23.59 -18.59 -4.53
C ASP A 258 -24.01 -17.19 -4.13
N THR A 259 -24.67 -17.08 -2.98
CA THR A 259 -25.19 -15.80 -2.52
C THR A 259 -24.40 -15.19 -1.37
N GLU A 260 -23.27 -15.73 -0.93
CA GLU A 260 -22.60 -15.22 0.25
C GLU A 260 -22.27 -13.75 0.10
N ILE A 261 -21.74 -13.35 -1.05
CA ILE A 261 -21.31 -11.93 -1.22
C ILE A 261 -22.52 -10.95 -1.04
N PRO A 262 -23.63 -11.12 -1.80
CA PRO A 262 -24.73 -10.17 -1.63
C PRO A 262 -25.42 -10.35 -0.27
N VAL A 263 -25.45 -11.60 0.28
CA VAL A 263 -26.06 -11.68 1.64
C VAL A 263 -25.25 -10.97 2.68
N ARG A 264 -23.95 -11.06 2.68
CA ARG A 264 -23.10 -10.32 3.63
C ARG A 264 -23.25 -8.81 3.41
N ASN A 265 -23.36 -8.38 2.13
CA ASN A 265 -23.61 -6.94 1.86
C ASN A 265 -24.95 -6.54 2.37
N LYS A 266 -25.97 -7.36 2.27
CA LYS A 266 -27.25 -7.03 2.84
C LYS A 266 -27.12 -6.99 4.38
N GLU A 267 -26.39 -7.88 4.98
CA GLU A 267 -26.22 -7.76 6.45
C GLU A 267 -25.56 -6.50 6.92
N LEU A 268 -24.60 -5.94 6.21
CA LEU A 268 -24.03 -4.68 6.60
C LEU A 268 -25.14 -3.64 6.65
N LEU A 269 -26.09 -3.69 5.69
CA LEU A 269 -27.21 -2.74 5.64
C LEU A 269 -28.20 -2.97 6.76
N ASP A 270 -28.53 -4.21 7.01
CA ASP A 270 -29.43 -4.52 8.17
C ASP A 270 -28.87 -3.98 9.49
N ARG A 271 -27.58 -4.06 9.72
CA ARG A 271 -26.93 -3.47 10.94
C ARG A 271 -27.19 -1.96 11.02
N ALA A 272 -27.04 -1.29 9.89
CA ALA A 272 -27.26 0.12 9.79
C ALA A 272 -28.71 0.50 9.94
N VAL A 273 -29.65 -0.27 9.41
CA VAL A 273 -31.08 0.04 9.55
C VAL A 273 -31.42 -0.14 11.08
N ALA A 274 -30.85 -1.18 11.71
CA ALA A 274 -31.06 -1.31 13.22
C ALA A 274 -30.52 -0.18 14.05
N ALA A 275 -29.38 0.39 13.67
CA ALA A 275 -28.81 1.53 14.29
C ALA A 275 -29.47 2.86 13.96
N GLY A 276 -30.51 2.94 13.13
CA GLY A 276 -31.16 4.21 12.80
C GLY A 276 -30.89 4.91 11.48
N PHE A 277 -30.10 4.26 10.60
CA PHE A 277 -29.66 4.89 9.38
C PHE A 277 -30.45 4.55 8.16
N GLY A 278 -31.58 3.83 8.31
CA GLY A 278 -32.31 3.46 7.15
C GLY A 278 -32.79 4.53 6.18
N GLU A 279 -33.16 5.71 6.72
CA GLU A 279 -33.63 6.78 5.84
C GLU A 279 -32.56 7.76 5.41
N SER A 280 -31.33 7.50 5.88
CA SER A 280 -30.15 8.22 5.40
C SER A 280 -29.69 7.64 4.08
N SER A 281 -28.63 8.24 3.47
CA SER A 281 -28.18 7.65 2.20
C SER A 281 -27.35 6.38 2.50
N TYR A 282 -27.04 5.67 1.43
CA TYR A 282 -26.28 4.42 1.52
C TYR A 282 -25.00 4.63 2.29
N TYR A 283 -24.34 5.76 2.00
CA TYR A 283 -22.98 6.07 2.46
C TYR A 283 -22.87 6.24 3.95
N SER A 284 -24.04 6.47 4.64
CA SER A 284 -24.08 6.52 6.06
C SER A 284 -23.63 5.23 6.79
N VAL A 285 -23.59 4.15 6.02
CA VAL A 285 -23.07 2.84 6.57
C VAL A 285 -21.68 2.99 7.11
N ILE A 286 -20.89 3.97 6.57
CA ILE A 286 -19.59 4.19 7.08
C ILE A 286 -19.55 4.56 8.58
N GLU A 287 -20.63 5.18 9.09
CA GLU A 287 -20.60 5.59 10.52
C GLU A 287 -20.57 4.50 11.53
N LEU A 288 -21.02 3.33 11.16
CA LEU A 288 -20.87 2.12 12.01
C LEU A 288 -19.42 1.70 12.07
N TRP A 289 -18.57 2.17 11.15
CA TRP A 289 -17.17 1.63 11.08
C TRP A 289 -16.11 2.56 11.57
N ARG A 290 -16.38 3.86 11.64
CA ARG A 290 -15.37 4.84 11.98
C ARG A 290 -14.83 4.57 13.36
#